data_8FZ1
#
_entry.id   8FZ1
#
_cell.length_a   95.598
_cell.length_b   95.598
_cell.length_c   128.814
_cell.angle_alpha   90.00
_cell.angle_beta   90.00
_cell.angle_gamma   120.00
#
_symmetry.space_group_name_H-M   'P 61'
#
loop_
_entity.id
_entity.type
_entity.pdbx_description
1 polymer 'Poly [ADP-ribose] polymerase 1, processed C-terminus'
2 branched beta-D-fructofuranose-(2-1)-alpha-D-glucopyranose
3 non-polymer 'CITRIC ACID'
4 non-polymer 'DIMETHYL SULFOXIDE'
5 non-polymer (2P)-2-{3-[(2-amino-4,5-dimethylphenyl)carbamoyl]phenyl}-1H-benzimidazole-4-carboxamide
6 non-polymer 1,2-ETHANEDIOL
7 water water
#
_entity_poly.entity_id   1
_entity_poly.type   'polypeptide(L)'
_entity_poly.pdbx_seq_one_letter_code
;MGSSHHHHHHSSGLVPRGSHMTKSKLPKPVQDLIKMIFGSGSGSGGDPIDVNYEKLKTDIKVVDRDSEEAEIIRKYVKNT
HATTHNAYDLEVIDIFKIEREGECQRYKPFKQLHNRRLLWHGSRTTNFAGILSQGLRIAPPEAPVTGYMFGKGIYFADMV
SKSANYCHTSQGDPIGLILLGEVALGNMYELKHASHISKLPKGKHSVKGLGKTTPDPSANISLDGVDVPLGTGISSGVND
TSLLYNEYIVYDIAQVNLKYLLKLKFNFKTS
;
_entity_poly.pdbx_strand_id   A,B
#
# COMPACT_ATOMS: atom_id res chain seq x y z
N LEU A 26 7.26 24.71 0.19
CA LEU A 26 7.23 23.72 -0.86
C LEU A 26 8.22 24.07 -1.97
N PRO A 27 8.84 23.06 -2.57
CA PRO A 27 9.75 23.33 -3.68
C PRO A 27 9.05 24.15 -4.76
N LYS A 28 9.83 25.00 -5.43
CA LYS A 28 9.26 25.81 -6.50
C LYS A 28 8.49 24.99 -7.53
N PRO A 29 9.01 23.86 -8.04
CA PRO A 29 8.22 23.12 -9.04
C PRO A 29 6.86 22.70 -8.52
N VAL A 30 6.79 22.32 -7.24
CA VAL A 30 5.51 21.94 -6.66
C VAL A 30 4.60 23.15 -6.52
N GLN A 31 5.17 24.33 -6.22
CA GLN A 31 4.34 25.52 -6.15
C GLN A 31 3.78 25.87 -7.52
N ASP A 32 4.61 25.77 -8.57
CA ASP A 32 4.13 26.08 -9.91
C ASP A 32 3.08 25.07 -10.36
N LEU A 33 3.20 23.81 -9.92
CA LEU A 33 2.18 22.81 -10.19
C LEU A 33 0.86 23.16 -9.50
N ILE A 34 0.93 23.57 -8.23
CA ILE A 34 -0.27 23.96 -7.50
C ILE A 34 -0.93 25.16 -8.17
N LYS A 35 -0.13 26.11 -8.64
CA LYS A 35 -0.70 27.28 -9.31
C LYS A 35 -1.32 26.89 -10.65
N MET A 36 -0.69 25.93 -11.36
CA MET A 36 -1.23 25.49 -12.64
C MET A 36 -2.66 24.97 -12.49
N ILE A 37 -2.92 24.16 -11.46
CA ILE A 37 -4.19 23.45 -11.35
C ILE A 37 -5.18 24.18 -10.46
N PHE A 38 -4.99 25.49 -10.23
CA PHE A 38 -5.95 26.28 -9.45
C PHE A 38 -6.19 27.66 -10.04
N PRO A 48 -4.25 30.43 -0.71
CA PRO A 48 -2.81 30.37 -0.99
C PRO A 48 -2.32 28.96 -1.28
N ILE A 49 -1.00 28.81 -1.46
CA ILE A 49 -0.46 27.59 -2.04
C ILE A 49 -0.62 26.42 -1.10
N ASP A 50 -0.13 26.54 0.14
CA ASP A 50 -0.16 25.41 1.06
C ASP A 50 -1.59 24.96 1.36
N VAL A 51 -2.55 25.89 1.36
CA VAL A 51 -3.95 25.52 1.59
C VAL A 51 -4.47 24.64 0.46
N ASN A 52 -4.21 25.04 -0.79
CA ASN A 52 -4.65 24.22 -1.92
C ASN A 52 -3.90 22.89 -1.94
N TYR A 53 -2.62 22.90 -1.57
CA TYR A 53 -1.85 21.67 -1.53
C TYR A 53 -2.46 20.68 -0.56
N GLU A 54 -2.79 21.14 0.65
CA GLU A 54 -3.51 20.26 1.58
C GLU A 54 -4.84 19.84 0.99
N LYS A 55 -5.48 20.71 0.21
CA LYS A 55 -6.72 20.34 -0.48
C LYS A 55 -6.54 19.08 -1.31
N LEU A 56 -5.38 18.92 -1.95
CA LEU A 56 -5.19 17.77 -2.82
C LEU A 56 -5.11 16.43 -2.10
N LYS A 57 -4.92 16.43 -0.78
CA LYS A 57 -4.77 15.18 -0.01
C LYS A 57 -3.80 14.23 -0.72
N THR A 58 -2.62 14.75 -1.08
CA THR A 58 -1.67 14.00 -1.88
C THR A 58 -0.26 14.47 -1.55
N ASP A 59 0.62 13.54 -1.21
CA ASP A 59 2.04 13.84 -1.04
C ASP A 59 2.69 13.95 -2.42
N ILE A 60 3.29 15.10 -2.72
CA ILE A 60 3.90 15.38 -4.01
C ILE A 60 5.37 15.68 -3.78
N LYS A 61 6.25 14.99 -4.51
CA LYS A 61 7.68 15.16 -4.35
C LYS A 61 8.31 15.30 -5.72
N VAL A 62 9.32 16.13 -5.83
CA VAL A 62 9.99 16.34 -7.11
C VAL A 62 10.99 15.20 -7.33
N VAL A 63 11.03 14.68 -8.56
CA VAL A 63 11.98 13.62 -8.93
C VAL A 63 13.22 14.27 -9.52
N ASP A 64 14.40 13.91 -8.99
CA ASP A 64 15.65 14.49 -9.49
C ASP A 64 15.75 14.27 -10.99
N ARG A 65 16.17 15.32 -11.70
CA ARG A 65 16.35 15.21 -13.15
C ARG A 65 17.42 14.18 -13.50
N ASP A 66 18.49 14.10 -12.69
CA ASP A 66 19.61 13.20 -12.95
C ASP A 66 19.39 11.78 -12.43
N SER A 67 18.24 11.47 -11.84
CA SER A 67 18.05 10.17 -11.25
C SER A 67 17.61 9.15 -12.31
N GLU A 68 17.56 7.88 -11.89
CA GLU A 68 17.22 6.84 -12.84
C GLU A 68 15.71 6.73 -13.04
N GLU A 69 14.92 6.99 -12.00
CA GLU A 69 13.48 7.16 -12.20
C GLU A 69 13.23 8.10 -13.37
N ALA A 70 13.84 9.29 -13.30
CA ALA A 70 13.62 10.30 -14.32
C ALA A 70 14.07 9.82 -15.69
N GLU A 71 15.19 9.10 -15.75
CA GLU A 71 15.69 8.68 -17.05
C GLU A 71 14.78 7.60 -17.63
N ILE A 72 14.24 6.73 -16.78
CA ILE A 72 13.32 5.71 -17.25
C ILE A 72 12.07 6.36 -17.79
N ILE A 73 11.57 7.38 -17.08
CA ILE A 73 10.35 8.06 -17.50
C ILE A 73 10.58 8.84 -18.79
N ARG A 74 11.72 9.51 -18.90
CA ARG A 74 12.00 10.24 -20.12
C ARG A 74 12.15 9.29 -21.31
N LYS A 75 12.80 8.13 -21.10
CA LYS A 75 12.83 7.12 -22.15
C LYS A 75 11.42 6.71 -22.57
N TYR A 76 10.56 6.42 -21.58
CA TYR A 76 9.20 6.03 -21.88
C TYR A 76 8.54 7.07 -22.76
N VAL A 77 8.69 8.34 -22.40
CA VAL A 77 8.10 9.43 -23.18
C VAL A 77 8.68 9.44 -24.58
N LYS A 78 10.01 9.38 -24.70
CA LYS A 78 10.63 9.54 -26.00
C LYS A 78 10.27 8.41 -26.96
N ASN A 79 10.20 7.18 -26.46
CA ASN A 79 10.09 6.02 -27.33
C ASN A 79 8.66 5.68 -27.73
N THR A 80 7.66 6.08 -26.94
CA THR A 80 6.27 5.70 -27.20
C THR A 80 5.46 6.85 -27.79
N HIS A 81 6.09 7.74 -28.56
CA HIS A 81 5.36 8.81 -29.27
C HIS A 81 4.94 8.29 -30.64
N ALA A 82 3.66 7.97 -30.77
CA ALA A 82 3.13 7.46 -32.04
C ALA A 82 3.45 8.35 -33.23
N THR A 83 3.32 7.79 -34.44
CA THR A 83 3.64 8.55 -35.65
C THR A 83 2.44 9.23 -36.26
N THR A 84 1.21 8.79 -35.96
CA THR A 84 0.02 9.52 -36.40
C THR A 84 -0.30 10.70 -35.50
N HIS A 85 0.43 10.89 -34.41
CA HIS A 85 0.30 12.05 -33.54
C HIS A 85 1.50 12.96 -33.74
N ASN A 86 1.71 13.40 -34.98
CA ASN A 86 2.82 14.26 -35.31
C ASN A 86 2.44 15.73 -35.26
N ALA A 87 1.36 16.08 -34.56
CA ALA A 87 1.02 17.50 -34.40
C ALA A 87 2.00 18.21 -33.46
N TYR A 88 2.64 17.48 -32.55
CA TYR A 88 3.44 18.08 -31.52
C TYR A 88 4.58 17.15 -31.14
N ASP A 89 5.66 17.74 -30.63
CA ASP A 89 6.70 17.03 -29.91
C ASP A 89 6.51 17.25 -28.41
N LEU A 90 6.74 16.21 -27.63
CA LEU A 90 6.60 16.30 -26.19
C LEU A 90 7.95 16.57 -25.55
N GLU A 91 7.94 17.33 -24.47
CA GLU A 91 9.16 17.65 -23.76
C GLU A 91 8.85 17.69 -22.27
N VAL A 92 9.53 16.86 -21.49
CA VAL A 92 9.26 16.79 -20.06
C VAL A 92 9.84 18.05 -19.41
N ILE A 93 9.05 18.67 -18.55
CA ILE A 93 9.47 19.82 -17.77
C ILE A 93 9.78 19.43 -16.33
N ASP A 94 8.87 18.68 -15.70
CA ASP A 94 8.98 18.29 -14.31
C ASP A 94 8.37 16.90 -14.15
N ILE A 95 8.92 16.14 -13.20
CA ILE A 95 8.40 14.84 -12.84
C ILE A 95 8.16 14.84 -11.35
N PHE A 96 6.95 14.47 -10.93
CA PHE A 96 6.61 14.40 -9.52
C PHE A 96 6.23 12.98 -9.17
N LYS A 97 6.71 12.52 -8.02
CA LYS A 97 6.25 11.28 -7.40
C LYS A 97 5.12 11.65 -6.43
N ILE A 98 3.96 11.05 -6.65
CA ILE A 98 2.74 11.39 -5.91
C ILE A 98 2.22 10.15 -5.20
N GLU A 99 1.79 10.33 -3.96
CA GLU A 99 1.08 9.31 -3.19
C GLU A 99 -0.23 9.93 -2.71
N ARG A 100 -1.34 9.49 -3.29
CA ARG A 100 -2.64 9.89 -2.81
C ARG A 100 -2.95 9.20 -1.49
N GLU A 101 -3.57 9.94 -0.57
CA GLU A 101 -3.96 9.36 0.71
C GLU A 101 -4.90 8.18 0.50
N GLY A 102 -4.61 7.07 1.19
CA GLY A 102 -5.44 5.88 1.17
C GLY A 102 -5.31 5.01 -0.06
N GLU A 103 -4.65 5.47 -1.11
CA GLU A 103 -4.71 4.74 -2.38
C GLU A 103 -3.96 3.42 -2.32
N CYS A 104 -2.81 3.40 -1.64
CA CYS A 104 -2.06 2.16 -1.52
C CYS A 104 -2.79 1.15 -0.64
N GLN A 105 -3.39 1.60 0.47
CA GLN A 105 -4.17 0.68 1.30
C GLN A 105 -5.36 0.12 0.54
N ARG A 106 -5.85 0.87 -0.45
CA ARG A 106 -6.99 0.42 -1.25
C ARG A 106 -6.57 -0.52 -2.37
N TYR A 107 -5.36 -0.32 -2.88
CA TYR A 107 -4.81 -1.12 -3.96
C TYR A 107 -4.31 -2.47 -3.48
N LYS A 108 -4.00 -2.60 -2.16
CA LYS A 108 -3.45 -3.82 -1.56
C LYS A 108 -3.86 -5.13 -2.24
N PRO A 109 -5.16 -5.46 -2.33
CA PRO A 109 -5.54 -6.80 -2.84
C PRO A 109 -5.05 -7.09 -4.25
N PHE A 110 -4.52 -6.11 -4.97
CA PHE A 110 -4.10 -6.25 -6.35
C PHE A 110 -2.61 -6.05 -6.55
N LYS A 111 -1.87 -5.73 -5.49
CA LYS A 111 -0.44 -5.50 -5.61
C LYS A 111 0.34 -6.80 -5.88
N GLN A 112 -0.19 -7.95 -5.43
CA GLN A 112 0.41 -9.24 -5.78
C GLN A 112 -0.09 -9.75 -7.13
N LEU A 113 -1.28 -9.32 -7.54
CA LEU A 113 -1.79 -9.59 -8.87
C LEU A 113 -0.67 -9.50 -9.89
N HIS A 114 -0.53 -10.55 -10.71
CA HIS A 114 0.43 -10.51 -11.80
C HIS A 114 0.02 -9.47 -12.83
N ASN A 115 0.88 -9.28 -13.82
CA ASN A 115 0.61 -8.36 -14.93
C ASN A 115 0.22 -6.97 -14.43
N ARG A 116 1.02 -6.42 -13.54
CA ARG A 116 0.94 -5.01 -13.18
C ARG A 116 1.74 -4.22 -14.18
N ARG A 117 1.23 -3.05 -14.58
CA ARG A 117 1.84 -2.33 -15.69
C ARG A 117 1.75 -0.83 -15.47
N LEU A 118 2.80 -0.10 -15.86
CA LEU A 118 2.90 1.33 -15.65
C LEU A 118 2.49 2.06 -16.92
N LEU A 119 1.36 2.76 -16.86
CA LEU A 119 0.66 3.21 -18.04
C LEU A 119 0.24 4.67 -17.91
N TRP A 120 0.09 5.31 -19.07
CA TRP A 120 -0.22 6.72 -19.14
C TRP A 120 -1.72 6.99 -18.96
N HIS A 121 -2.03 8.16 -18.40
CA HIS A 121 -3.39 8.67 -18.42
C HIS A 121 -3.35 10.19 -18.52
N GLY A 122 -3.93 10.73 -19.58
CA GLY A 122 -4.02 12.16 -19.75
C GLY A 122 -5.40 12.72 -19.42
N SER A 123 -5.42 14.00 -19.09
CA SER A 123 -6.69 14.66 -18.80
C SER A 123 -6.46 16.17 -18.86
N ARG A 124 -7.55 16.89 -18.97
CA ARG A 124 -7.45 18.35 -19.00
C ARG A 124 -7.00 18.86 -17.65
N THR A 125 -6.08 19.83 -17.66
CA THR A 125 -5.53 20.38 -16.42
C THR A 125 -6.61 20.63 -15.38
N THR A 126 -7.76 21.15 -15.84
CA THR A 126 -8.87 21.46 -14.95
C THR A 126 -9.32 20.26 -14.11
N ASN A 127 -9.19 19.04 -14.66
CA ASN A 127 -9.66 17.87 -13.93
C ASN A 127 -8.70 17.46 -12.81
N PHE A 128 -7.44 17.93 -12.83
CA PHE A 128 -6.41 17.30 -12.00
C PHE A 128 -6.62 17.61 -10.53
N ALA A 129 -7.05 18.81 -10.20
CA ALA A 129 -7.45 19.09 -8.83
C ALA A 129 -8.32 17.95 -8.30
N GLY A 130 -9.33 17.55 -9.07
CA GLY A 130 -10.19 16.48 -8.63
C GLY A 130 -9.50 15.14 -8.66
N ILE A 131 -8.75 14.88 -9.74
CA ILE A 131 -8.13 13.57 -9.91
C ILE A 131 -7.26 13.24 -8.71
N LEU A 132 -6.48 14.22 -8.23
CA LEU A 132 -5.60 13.96 -7.10
C LEU A 132 -6.38 13.86 -5.80
N SER A 133 -7.43 14.65 -5.64
CA SER A 133 -8.13 14.61 -4.36
C SER A 133 -9.03 13.39 -4.25
N GLN A 134 -9.51 12.87 -5.38
CA GLN A 134 -10.47 11.77 -5.37
C GLN A 134 -10.05 10.58 -6.23
N GLY A 135 -8.90 10.65 -6.89
CA GLY A 135 -8.44 9.56 -7.73
C GLY A 135 -9.20 9.49 -9.03
N LEU A 136 -8.66 8.74 -9.99
CA LEU A 136 -9.41 8.42 -11.18
C LEU A 136 -10.70 7.68 -10.80
N ARG A 137 -11.80 8.07 -11.43
CA ARG A 137 -13.12 7.52 -11.10
C ARG A 137 -13.77 6.92 -12.32
N ILE A 138 -14.92 6.28 -12.07
CA ILE A 138 -15.72 5.63 -13.10
C ILE A 138 -17.00 6.44 -13.29
N ALA A 139 -17.43 6.58 -14.53
CA ALA A 139 -18.68 7.27 -14.81
C ALA A 139 -19.82 6.64 -14.02
N PRO A 140 -20.86 7.42 -13.68
CA PRO A 140 -21.89 6.91 -12.76
C PRO A 140 -22.68 5.77 -13.38
N PRO A 141 -23.19 4.85 -12.56
CA PRO A 141 -23.84 3.65 -13.12
C PRO A 141 -24.91 3.94 -14.15
N GLU A 142 -25.68 5.02 -13.99
CA GLU A 142 -26.67 5.42 -14.98
C GLU A 142 -26.11 6.61 -15.75
N ALA A 143 -25.29 6.28 -16.74
CA ALA A 143 -24.72 7.23 -17.69
C ALA A 143 -24.63 6.56 -19.06
N PRO A 144 -24.79 7.31 -20.14
CA PRO A 144 -24.75 6.70 -21.47
C PRO A 144 -23.40 6.06 -21.75
N VAL A 145 -23.42 4.87 -22.36
CA VAL A 145 -22.21 4.13 -22.67
C VAL A 145 -21.72 4.35 -24.09
N THR A 146 -22.41 5.18 -24.88
CA THR A 146 -22.12 5.25 -26.31
C THR A 146 -20.75 5.84 -26.60
N GLY A 147 -20.29 6.78 -25.76
CA GLY A 147 -18.96 7.36 -25.94
C GLY A 147 -17.80 6.56 -25.38
N TYR A 148 -18.05 5.41 -24.78
CA TYR A 148 -17.01 4.60 -24.12
C TYR A 148 -16.74 3.34 -24.95
N MET A 149 -15.66 3.37 -25.74
CA MET A 149 -15.38 2.27 -26.65
C MET A 149 -15.40 0.93 -25.93
N PHE A 150 -14.96 0.90 -24.66
CA PHE A 150 -14.97 -0.33 -23.88
C PHE A 150 -15.70 -0.15 -22.56
N GLY A 151 -16.81 0.56 -22.58
CA GLY A 151 -17.66 0.67 -21.41
C GLY A 151 -17.12 1.64 -20.36
N LYS A 152 -17.93 1.86 -19.33
CA LYS A 152 -17.60 2.81 -18.27
C LYS A 152 -16.52 2.26 -17.37
N GLY A 153 -15.26 2.57 -17.67
CA GLY A 153 -14.13 2.18 -16.84
C GLY A 153 -13.04 3.23 -16.90
N ILE A 154 -11.85 2.89 -16.39
CA ILE A 154 -10.71 3.80 -16.35
C ILE A 154 -9.71 3.37 -17.41
N TYR A 155 -9.42 4.29 -18.33
CA TYR A 155 -8.70 4.04 -19.56
C TYR A 155 -7.25 4.47 -19.44
N PHE A 156 -6.37 3.74 -20.11
CA PHE A 156 -4.94 4.01 -20.08
C PHE A 156 -4.36 3.63 -21.44
N ALA A 157 -3.23 4.22 -21.75
CA ALA A 157 -2.46 3.86 -22.92
C ALA A 157 -1.03 3.50 -22.53
N ASP A 158 -0.34 2.81 -23.43
CA ASP A 158 1.10 2.61 -23.31
C ASP A 158 1.87 3.42 -24.35
N MET A 159 1.18 4.29 -25.10
CA MET A 159 1.77 5.24 -26.02
C MET A 159 1.51 6.64 -25.47
N VAL A 160 2.58 7.37 -25.15
CA VAL A 160 2.46 8.64 -24.43
C VAL A 160 1.56 9.61 -25.20
N SER A 161 1.72 9.65 -26.53
CA SER A 161 0.94 10.63 -27.30
C SER A 161 -0.54 10.29 -27.29
N LYS A 162 -0.89 9.00 -27.22
CA LYS A 162 -2.30 8.64 -27.16
C LYS A 162 -2.97 9.26 -25.94
N SER A 163 -2.30 9.23 -24.78
CA SER A 163 -2.86 9.85 -23.58
C SER A 163 -2.71 11.37 -23.61
N ALA A 164 -1.58 11.87 -24.14
CA ALA A 164 -1.37 13.30 -24.22
C ALA A 164 -2.43 13.97 -25.08
N ASN A 165 -3.04 13.24 -26.02
CA ASN A 165 -4.14 13.81 -26.78
C ASN A 165 -5.32 14.19 -25.89
N TYR A 166 -5.44 13.60 -24.71
CA TYR A 166 -6.57 13.87 -23.83
C TYR A 166 -6.30 15.00 -22.85
N CYS A 167 -5.09 15.59 -22.88
CA CYS A 167 -4.85 16.82 -22.14
C CYS A 167 -5.51 18.00 -22.85
N HIS A 168 -5.69 17.90 -24.16
CA HIS A 168 -6.30 18.95 -24.97
C HIS A 168 -5.61 20.28 -24.72
N THR A 169 -4.30 20.25 -24.83
CA THR A 169 -3.51 21.46 -24.84
C THR A 169 -3.41 21.98 -26.27
N SER A 170 -2.92 23.20 -26.40
CA SER A 170 -2.85 23.89 -27.68
C SER A 170 -1.67 24.84 -27.67
N GLN A 171 -1.48 25.55 -28.78
CA GLN A 171 -0.39 26.52 -28.85
C GLN A 171 -0.59 27.65 -27.85
N GLY A 172 -1.84 28.06 -27.63
CA GLY A 172 -2.11 29.08 -26.63
C GLY A 172 -1.89 28.61 -25.21
N ASP A 173 -1.93 27.30 -24.97
CA ASP A 173 -1.68 26.73 -23.65
C ASP A 173 -0.96 25.40 -23.82
N PRO A 174 0.36 25.44 -24.06
CA PRO A 174 1.06 24.22 -24.47
C PRO A 174 1.63 23.41 -23.32
N ILE A 175 1.06 23.56 -22.13
CA ILE A 175 1.48 22.80 -20.96
C ILE A 175 0.30 21.98 -20.46
N GLY A 176 0.55 20.70 -20.21
CA GLY A 176 -0.46 19.79 -19.72
C GLY A 176 0.17 18.82 -18.74
N LEU A 177 -0.68 17.94 -18.22
CA LEU A 177 -0.30 17.01 -17.17
C LEU A 177 -0.72 15.61 -17.57
N ILE A 178 0.20 14.64 -17.47
CA ILE A 178 -0.12 13.25 -17.70
C ILE A 178 0.29 12.48 -16.46
N LEU A 179 -0.52 11.50 -16.10
CA LEU A 179 -0.26 10.59 -15.02
C LEU A 179 0.43 9.35 -15.54
N LEU A 180 1.27 8.77 -14.69
CA LEU A 180 1.71 7.40 -14.80
C LEU A 180 1.13 6.61 -13.64
N GLY A 181 0.34 5.60 -13.94
CA GLY A 181 -0.28 4.76 -12.93
C GLY A 181 0.18 3.32 -13.04
N GLU A 182 0.38 2.69 -11.88
CA GLU A 182 0.48 1.24 -11.78
C GLU A 182 -0.94 0.67 -11.86
N VAL A 183 -1.21 -0.09 -12.92
CA VAL A 183 -2.51 -0.69 -13.15
C VAL A 183 -2.41 -2.20 -13.01
N ALA A 184 -3.23 -2.77 -12.15
CA ALA A 184 -3.27 -4.21 -11.91
C ALA A 184 -4.16 -4.84 -12.98
N LEU A 185 -3.56 -5.15 -14.13
CA LEU A 185 -4.32 -5.65 -15.27
C LEU A 185 -4.79 -7.08 -15.06
N GLY A 186 -3.99 -7.92 -14.45
CA GLY A 186 -4.44 -9.29 -14.20
C GLY A 186 -4.57 -10.06 -15.49
N ASN A 187 -5.63 -10.86 -15.57
CA ASN A 187 -5.99 -11.56 -16.81
C ASN A 187 -6.74 -10.60 -17.72
N MET A 188 -6.13 -10.25 -18.84
CA MET A 188 -6.71 -9.30 -19.78
C MET A 188 -7.69 -10.01 -20.71
N TYR A 189 -8.86 -9.40 -20.89
CA TYR A 189 -9.75 -9.75 -21.99
C TYR A 189 -9.26 -8.94 -23.18
N GLU A 190 -8.66 -9.60 -24.16
CA GLU A 190 -8.10 -8.91 -25.31
C GLU A 190 -9.17 -8.77 -26.40
N LEU A 191 -9.44 -7.53 -26.79
CA LEU A 191 -10.50 -7.22 -27.75
C LEU A 191 -9.94 -6.45 -28.93
N LYS A 192 -10.52 -6.69 -30.10
CA LYS A 192 -10.14 -6.03 -31.34
C LYS A 192 -11.15 -4.98 -31.79
N HIS A 193 -12.33 -4.94 -31.18
CA HIS A 193 -13.41 -4.07 -31.61
C HIS A 193 -14.14 -3.61 -30.37
N ALA A 194 -14.81 -2.45 -30.49
CA ALA A 194 -15.49 -1.89 -29.33
C ALA A 194 -16.52 -2.87 -28.79
N SER A 195 -16.82 -2.72 -27.50
CA SER A 195 -17.81 -3.55 -26.84
C SER A 195 -18.91 -2.74 -26.19
N HIS A 196 -18.58 -1.63 -25.54
CA HIS A 196 -19.55 -0.70 -24.97
C HIS A 196 -20.26 -1.26 -23.75
N ILE A 197 -19.68 -2.25 -23.08
CA ILE A 197 -20.25 -2.75 -21.83
C ILE A 197 -19.13 -2.78 -20.80
N SER A 198 -19.52 -2.86 -19.54
CA SER A 198 -18.60 -2.71 -18.42
C SER A 198 -18.40 -3.99 -17.63
N LYS A 199 -19.04 -5.09 -18.03
CA LYS A 199 -18.99 -6.37 -17.34
C LYS A 199 -18.01 -7.31 -18.03
N LEU A 200 -17.04 -7.82 -17.30
CA LEU A 200 -16.07 -8.75 -17.82
C LEU A 200 -16.55 -10.19 -17.64
N PRO A 201 -16.09 -11.11 -18.47
CA PRO A 201 -16.29 -12.52 -18.17
C PRO A 201 -15.58 -12.87 -16.87
N LYS A 202 -15.96 -14.00 -16.29
CA LYS A 202 -15.37 -14.42 -15.02
C LYS A 202 -13.90 -14.74 -15.23
N GLY A 203 -13.08 -14.35 -14.25
CA GLY A 203 -11.66 -14.57 -14.31
C GLY A 203 -10.88 -13.48 -14.99
N LYS A 204 -11.55 -12.55 -15.65
CA LYS A 204 -10.91 -11.40 -16.29
C LYS A 204 -10.98 -10.21 -15.36
N HIS A 205 -9.92 -9.39 -15.39
CA HIS A 205 -9.82 -8.22 -14.53
C HIS A 205 -9.71 -6.92 -15.29
N SER A 206 -9.36 -6.96 -16.57
CA SER A 206 -9.14 -5.78 -17.36
C SER A 206 -9.46 -6.10 -18.81
N VAL A 207 -9.52 -5.05 -19.62
CA VAL A 207 -9.64 -5.19 -21.07
C VAL A 207 -8.39 -4.61 -21.70
N LYS A 208 -7.86 -5.30 -22.71
CA LYS A 208 -6.82 -4.73 -23.56
C LYS A 208 -7.39 -4.60 -24.96
N GLY A 209 -7.66 -3.36 -25.39
CA GLY A 209 -7.88 -3.10 -26.80
C GLY A 209 -6.57 -3.25 -27.54
N LEU A 210 -6.55 -4.12 -28.56
CA LEU A 210 -5.32 -4.50 -29.23
C LEU A 210 -5.03 -3.55 -30.38
N GLY A 211 -3.96 -2.80 -30.27
CA GLY A 211 -3.55 -1.93 -31.35
C GLY A 211 -2.68 -2.64 -32.35
N LYS A 212 -2.66 -2.08 -33.56
CA LYS A 212 -1.75 -2.55 -34.59
C LYS A 212 -0.30 -2.27 -34.22
N THR A 213 -0.08 -1.36 -33.29
CA THR A 213 1.26 -0.98 -32.88
C THR A 213 1.37 -1.10 -31.37
N THR A 214 2.48 -1.64 -30.90
CA THR A 214 2.70 -1.86 -29.49
C THR A 214 4.15 -1.55 -29.18
N PRO A 215 4.47 -1.06 -27.99
CA PRO A 215 5.89 -0.90 -27.64
C PRO A 215 6.57 -2.26 -27.66
N ASP A 216 7.76 -2.30 -28.27
CA ASP A 216 8.52 -3.54 -28.43
C ASP A 216 8.62 -4.26 -27.09
N PRO A 217 8.00 -5.44 -26.96
CA PRO A 217 8.06 -6.15 -25.67
C PRO A 217 9.46 -6.59 -25.27
N SER A 218 10.38 -6.75 -26.21
CA SER A 218 11.76 -7.09 -25.88
C SER A 218 12.45 -5.97 -25.10
N ALA A 219 11.84 -4.80 -25.01
CA ALA A 219 12.43 -3.68 -24.31
C ALA A 219 11.78 -3.43 -22.96
N ASN A 220 10.64 -4.06 -22.67
CA ASN A 220 10.00 -3.88 -21.37
C ASN A 220 11.03 -4.04 -20.26
N ILE A 221 10.91 -3.21 -19.23
CA ILE A 221 11.74 -3.36 -18.04
C ILE A 221 10.84 -3.37 -16.81
N SER A 222 11.36 -3.86 -15.69
CA SER A 222 10.56 -4.02 -14.48
C SER A 222 11.07 -3.10 -13.39
N LEU A 223 10.36 -2.00 -13.17
CA LEU A 223 10.62 -1.03 -12.10
C LEU A 223 9.75 -1.40 -10.90
N ASP A 224 10.39 -1.83 -9.81
CA ASP A 224 9.70 -2.08 -8.54
C ASP A 224 8.63 -3.17 -8.71
N GLY A 225 8.93 -4.18 -9.53
CA GLY A 225 7.99 -5.24 -9.84
C GLY A 225 6.97 -4.93 -10.91
N VAL A 226 6.90 -3.68 -11.40
CA VAL A 226 5.90 -3.22 -12.34
C VAL A 226 6.51 -3.14 -13.74
N ASP A 227 5.80 -3.66 -14.74
CA ASP A 227 6.30 -3.62 -16.11
C ASP A 227 6.13 -2.23 -16.71
N VAL A 228 7.22 -1.72 -17.28
CA VAL A 228 7.29 -0.44 -17.99
C VAL A 228 7.56 -0.75 -19.45
N PRO A 229 6.56 -0.58 -20.34
CA PRO A 229 6.69 -0.88 -21.77
C PRO A 229 7.27 0.31 -22.54
N LEU A 230 8.53 0.62 -22.27
CA LEU A 230 9.18 1.78 -22.87
C LEU A 230 9.90 1.44 -24.17
N GLY A 231 9.52 0.35 -24.83
CA GLY A 231 10.12 0.05 -26.11
C GLY A 231 9.60 0.96 -27.20
N THR A 232 10.40 1.12 -28.25
CA THR A 232 9.89 1.85 -29.40
C THR A 232 8.77 1.05 -30.05
N GLY A 233 7.78 1.77 -30.59
CA GLY A 233 6.64 1.14 -31.20
C GLY A 233 7.05 0.25 -32.36
N ILE A 234 6.52 -0.97 -32.37
CA ILE A 234 6.68 -1.90 -33.47
C ILE A 234 5.34 -2.54 -33.75
N SER A 235 5.25 -3.20 -34.91
CA SER A 235 3.98 -3.79 -35.32
C SER A 235 3.60 -4.93 -34.39
N SER A 236 2.36 -4.92 -33.90
CA SER A 236 1.91 -5.94 -32.97
C SER A 236 1.67 -7.29 -33.63
N GLY A 237 1.58 -7.34 -34.96
CA GLY A 237 1.13 -8.52 -35.65
C GLY A 237 -0.38 -8.65 -35.76
N VAL A 238 -1.15 -7.86 -35.02
CA VAL A 238 -2.61 -7.84 -35.17
C VAL A 238 -2.96 -6.97 -36.37
N ASN A 239 -3.79 -7.50 -37.27
CA ASN A 239 -4.33 -6.73 -38.36
C ASN A 239 -5.85 -6.72 -38.37
N ASP A 240 -6.48 -7.59 -37.59
CA ASP A 240 -7.93 -7.69 -37.51
C ASP A 240 -8.52 -6.73 -36.48
N THR A 241 -8.07 -5.48 -36.39
CA THR A 241 -8.40 -4.66 -35.22
C THR A 241 -8.77 -3.23 -35.62
N SER A 242 -9.58 -2.60 -34.75
CA SER A 242 -10.06 -1.24 -34.94
C SER A 242 -9.07 -0.18 -34.45
N LEU A 243 -8.05 -0.56 -33.69
CA LEU A 243 -7.24 0.36 -32.91
C LEU A 243 -5.85 0.49 -33.49
N LEU A 244 -5.40 1.73 -33.68
CA LEU A 244 -4.01 1.94 -34.05
C LEU A 244 -3.06 1.58 -32.89
N TYR A 245 -3.47 1.81 -31.64
CA TYR A 245 -2.61 1.59 -30.49
C TYR A 245 -3.41 0.98 -29.34
N ASN A 246 -2.69 0.31 -28.45
CA ASN A 246 -3.35 -0.40 -27.36
C ASN A 246 -4.15 0.57 -26.48
N GLU A 247 -5.14 0.00 -25.79
CA GLU A 247 -5.85 0.67 -24.72
C GLU A 247 -5.97 -0.34 -23.58
N TYR A 248 -5.95 0.14 -22.35
CA TYR A 248 -6.09 -0.72 -21.18
C TYR A 248 -7.18 -0.14 -20.29
N ILE A 249 -8.20 -0.94 -20.00
CA ILE A 249 -9.37 -0.47 -19.25
C ILE A 249 -9.54 -1.35 -18.04
N VAL A 250 -9.79 -0.73 -16.89
CA VAL A 250 -10.13 -1.49 -15.70
C VAL A 250 -11.44 -0.94 -15.15
N TYR A 251 -12.21 -1.79 -14.48
CA TYR A 251 -13.55 -1.44 -14.04
C TYR A 251 -13.66 -1.47 -12.52
N ASP A 252 -12.55 -1.24 -11.82
CA ASP A 252 -12.54 -1.10 -10.38
C ASP A 252 -11.47 -0.08 -10.04
N ILE A 253 -11.82 0.94 -9.26
CA ILE A 253 -10.89 2.03 -9.03
C ILE A 253 -9.74 1.61 -8.12
N ALA A 254 -9.87 0.48 -7.42
CA ALA A 254 -8.79 -0.06 -6.60
C ALA A 254 -7.70 -0.76 -7.39
N GLN A 255 -7.88 -0.94 -8.70
CA GLN A 255 -6.83 -1.52 -9.52
C GLN A 255 -5.86 -0.48 -10.03
N VAL A 256 -5.95 0.75 -9.53
CA VAL A 256 -5.10 1.85 -9.97
C VAL A 256 -4.35 2.42 -8.78
N ASN A 257 -3.06 2.66 -8.98
CA ASN A 257 -2.21 3.27 -7.96
C ASN A 257 -1.38 4.30 -8.70
N LEU A 258 -1.71 5.58 -8.51
CA LEU A 258 -1.03 6.65 -9.24
C LEU A 258 0.39 6.81 -8.69
N LYS A 259 1.39 6.71 -9.58
CA LYS A 259 2.80 6.75 -9.19
C LYS A 259 3.48 8.08 -9.50
N TYR A 260 3.28 8.63 -10.70
CA TYR A 260 3.96 9.87 -11.10
C TYR A 260 2.98 10.82 -11.76
N LEU A 261 3.37 12.09 -11.81
CA LEU A 261 2.64 13.13 -12.53
C LEU A 261 3.66 13.98 -13.26
N LEU A 262 3.56 14.03 -14.58
CA LEU A 262 4.51 14.74 -15.41
C LEU A 262 3.88 16.05 -15.90
N LYS A 263 4.67 17.09 -15.91
CA LYS A 263 4.32 18.36 -16.54
C LYS A 263 5.00 18.39 -17.90
N LEU A 264 4.21 18.44 -18.97
CA LEU A 264 4.73 18.32 -20.32
C LEU A 264 4.55 19.62 -21.09
N LYS A 265 5.58 20.01 -21.85
CA LYS A 265 5.46 21.07 -22.84
C LYS A 265 5.19 20.43 -24.20
N PHE A 266 4.10 20.85 -24.83
CA PHE A 266 3.77 20.47 -26.20
C PHE A 266 4.34 21.52 -27.13
N ASN A 267 5.17 21.09 -28.09
CA ASN A 267 5.73 21.98 -29.10
C ASN A 267 5.09 21.65 -30.44
N PHE A 268 4.24 22.54 -30.94
CA PHE A 268 3.50 22.30 -32.17
C PHE A 268 4.26 22.84 -33.38
N THR B 22 4.19 28.69 18.88
CA THR B 22 4.97 27.45 18.86
C THR B 22 4.36 26.39 19.75
N LYS B 23 3.03 26.31 19.76
CA LYS B 23 2.31 25.30 20.53
C LYS B 23 1.79 24.24 19.58
N SER B 24 1.98 22.97 19.94
CA SER B 24 1.63 21.89 19.03
C SER B 24 0.14 21.91 18.72
N LYS B 25 -0.17 21.63 17.46
CA LYS B 25 -1.55 21.43 17.02
C LYS B 25 -1.97 19.97 17.03
N LEU B 26 -1.08 19.07 17.43
CA LEU B 26 -1.41 17.66 17.49
C LEU B 26 -2.40 17.38 18.61
N PRO B 27 -3.30 16.41 18.42
CA PRO B 27 -4.23 16.05 19.50
C PRO B 27 -3.48 15.70 20.76
N LYS B 28 -4.10 16.00 21.90
CA LYS B 28 -3.46 15.69 23.17
C LYS B 28 -3.02 14.24 23.28
N PRO B 29 -3.83 13.23 22.94
CA PRO B 29 -3.34 11.86 23.06
C PRO B 29 -2.07 11.61 22.26
N VAL B 30 -1.96 12.22 21.09
CA VAL B 30 -0.76 12.05 20.29
C VAL B 30 0.41 12.76 20.94
N GLN B 31 0.17 13.91 21.55
CA GLN B 31 1.26 14.59 22.26
C GLN B 31 1.75 13.75 23.44
N ASP B 32 0.82 13.16 24.20
CA ASP B 32 1.21 12.33 25.33
C ASP B 32 1.95 11.08 24.86
N LEU B 33 1.57 10.55 23.69
CA LEU B 33 2.31 9.43 23.11
C LEU B 33 3.74 9.83 22.74
N ILE B 34 3.89 11.00 22.11
CA ILE B 34 5.22 11.48 21.75
C ILE B 34 6.07 11.69 23.00
N LYS B 35 5.47 12.21 24.06
CA LYS B 35 6.24 12.40 25.30
C LYS B 35 6.60 11.06 25.93
N MET B 36 5.70 10.08 25.84
CA MET B 36 5.99 8.76 26.41
C MET B 36 7.26 8.16 25.81
N ILE B 37 7.42 8.25 24.49
CA ILE B 37 8.49 7.54 23.81
C ILE B 37 9.71 8.43 23.57
N PHE B 38 9.85 9.52 24.32
CA PHE B 38 11.05 10.37 24.19
C PHE B 38 11.54 10.86 25.56
N ASP B 47 14.44 18.92 22.43
CA ASP B 47 13.55 18.82 21.27
C ASP B 47 12.06 18.88 21.66
N PRO B 48 11.27 19.66 20.93
CA PRO B 48 9.83 19.76 21.22
C PRO B 48 8.99 18.71 20.50
N ILE B 49 7.68 18.79 20.66
CA ILE B 49 6.81 17.68 20.29
C ILE B 49 6.78 17.49 18.78
N ASP B 50 6.48 18.54 18.03
CA ASP B 50 6.33 18.38 16.59
C ASP B 50 7.63 17.93 15.94
N VAL B 51 8.78 18.32 16.51
CA VAL B 51 10.06 17.90 15.95
C VAL B 51 10.25 16.39 16.11
N ASN B 52 9.96 15.89 17.30
CA ASN B 52 10.07 14.45 17.52
C ASN B 52 9.03 13.69 16.69
N TYR B 53 7.83 14.25 16.56
CA TYR B 53 6.81 13.62 15.73
C TYR B 53 7.27 13.48 14.29
N GLU B 54 7.83 14.54 13.71
CA GLU B 54 8.40 14.42 12.39
C GLU B 54 9.54 13.41 12.37
N LYS B 55 10.28 13.31 13.48
CA LYS B 55 11.33 12.29 13.61
C LYS B 55 10.77 10.89 13.36
N LEU B 56 9.54 10.63 13.82
CA LEU B 56 8.99 9.28 13.67
C LEU B 56 8.69 8.88 12.22
N LYS B 57 8.59 9.84 11.30
CA LYS B 57 8.26 9.54 9.90
C LYS B 57 7.03 8.63 9.83
N THR B 58 6.00 9.01 10.57
CA THR B 58 4.81 8.17 10.72
C THR B 58 3.60 9.07 10.93
N ASP B 59 2.55 8.86 10.13
CA ASP B 59 1.27 9.50 10.36
C ASP B 59 0.54 8.79 11.49
N ILE B 60 0.19 9.52 12.53
CA ILE B 60 -0.47 8.98 13.71
C ILE B 60 -1.80 9.70 13.88
N LYS B 61 -2.89 8.94 14.00
CA LYS B 61 -4.22 9.50 14.15
C LYS B 61 -4.91 8.80 15.30
N VAL B 62 -5.72 9.53 16.05
CA VAL B 62 -6.44 8.94 17.16
C VAL B 62 -7.70 8.27 16.62
N VAL B 63 -7.99 7.07 17.13
CA VAL B 63 -9.19 6.32 16.77
C VAL B 63 -10.30 6.66 17.76
N ASP B 64 -11.47 7.08 17.25
CA ASP B 64 -12.60 7.40 18.12
C ASP B 64 -12.89 6.25 19.06
N ARG B 65 -13.13 6.57 20.33
CA ARG B 65 -13.49 5.55 21.31
C ARG B 65 -14.79 4.86 20.95
N ASP B 66 -15.76 5.60 20.39
CA ASP B 66 -17.08 5.06 20.05
C ASP B 66 -17.15 4.39 18.69
N SER B 67 -16.04 4.31 17.96
CA SER B 67 -16.10 3.79 16.62
C SER B 67 -16.05 2.26 16.63
N GLU B 68 -16.23 1.67 15.46
CA GLU B 68 -16.25 0.22 15.39
C GLU B 68 -14.84 -0.35 15.30
N GLU B 69 -13.90 0.36 14.68
CA GLU B 69 -12.49 0.00 14.81
C GLU B 69 -12.14 -0.22 16.27
N ALA B 70 -12.45 0.77 17.10
CA ALA B 70 -12.10 0.72 18.51
C ALA B 70 -12.78 -0.45 19.20
N GLU B 71 -14.02 -0.74 18.84
CA GLU B 71 -14.74 -1.79 19.54
C GLU B 71 -14.20 -3.15 19.15
N ILE B 72 -13.81 -3.30 17.89
CA ILE B 72 -13.19 -4.54 17.44
C ILE B 72 -11.87 -4.75 18.16
N ILE B 73 -11.09 -3.68 18.31
CA ILE B 73 -9.79 -3.79 18.96
C ILE B 73 -9.94 -4.08 20.44
N ARG B 74 -10.91 -3.44 21.09
CA ARG B 74 -11.11 -3.71 22.50
C ARG B 74 -11.61 -5.13 22.71
N LYS B 75 -12.46 -5.64 21.82
CA LYS B 75 -12.86 -7.04 21.88
C LYS B 75 -11.64 -7.94 21.77
N TYR B 76 -10.78 -7.68 20.78
CA TYR B 76 -9.57 -8.47 20.61
C TYR B 76 -8.78 -8.52 21.91
N VAL B 77 -8.60 -7.36 22.54
CA VAL B 77 -7.86 -7.28 23.79
C VAL B 77 -8.56 -8.09 24.87
N LYS B 78 -9.87 -7.91 25.02
CA LYS B 78 -10.56 -8.53 26.13
C LYS B 78 -10.55 -10.05 26.01
N ASN B 79 -10.74 -10.57 24.79
CA ASN B 79 -11.00 -11.99 24.61
C ASN B 79 -9.73 -12.83 24.55
N THR B 80 -8.60 -12.25 24.13
CA THR B 80 -7.36 -13.01 23.94
C THR B 80 -6.37 -12.80 25.09
N HIS B 81 -6.85 -12.59 26.31
CA HIS B 81 -5.98 -12.52 27.48
C HIS B 81 -5.83 -13.92 28.07
N ALA B 82 -4.66 -14.53 27.86
CA ALA B 82 -4.42 -15.88 28.34
C ALA B 82 -4.64 -15.98 29.86
N THR B 83 -4.78 -17.22 30.33
CA THR B 83 -5.03 -17.46 31.75
C THR B 83 -3.76 -17.68 32.56
N THR B 84 -2.67 -18.13 31.93
CA THR B 84 -1.39 -18.23 32.63
C THR B 84 -0.70 -16.87 32.77
N HIS B 85 -1.26 -15.82 32.17
CA HIS B 85 -0.78 -14.46 32.33
C HIS B 85 -1.76 -13.68 33.19
N ASN B 86 -1.98 -14.18 34.41
CA ASN B 86 -2.89 -13.54 35.35
C ASN B 86 -2.17 -12.57 36.28
N ALA B 87 -0.96 -12.14 35.93
CA ALA B 87 -0.26 -11.15 36.74
C ALA B 87 -0.95 -9.79 36.66
N TYR B 88 -1.65 -9.51 35.56
CA TYR B 88 -2.20 -8.19 35.30
C TYR B 88 -3.47 -8.28 34.49
N ASP B 89 -4.32 -7.27 34.64
CA ASP B 89 -5.43 -7.02 33.73
C ASP B 89 -5.03 -5.89 32.79
N LEU B 90 -5.42 -6.01 31.54
CA LEU B 90 -5.10 -4.99 30.54
C LEU B 90 -6.29 -4.05 30.40
N GLU B 91 -5.99 -2.79 30.15
CA GLU B 91 -7.03 -1.79 29.96
C GLU B 91 -6.57 -0.83 28.88
N VAL B 92 -7.35 -0.68 27.83
CA VAL B 92 -6.95 0.20 26.73
C VAL B 92 -7.15 1.64 27.17
N ILE B 93 -6.15 2.47 26.89
CA ILE B 93 -6.21 3.90 27.17
C ILE B 93 -6.48 4.69 25.90
N ASP B 94 -5.72 4.39 24.84
CA ASP B 94 -5.77 5.11 23.58
C ASP B 94 -5.49 4.11 22.46
N ILE B 95 -6.06 4.38 21.31
CA ILE B 95 -5.82 3.60 20.10
C ILE B 95 -5.42 4.57 19.01
N PHE B 96 -4.32 4.29 18.34
CA PHE B 96 -3.86 5.13 17.25
C PHE B 96 -3.79 4.31 15.98
N LYS B 97 -4.25 4.90 14.89
CA LYS B 97 -4.03 4.37 13.55
C LYS B 97 -2.76 5.01 13.01
N ILE B 98 -1.79 4.19 12.63
CA ILE B 98 -0.47 4.65 12.23
C ILE B 98 -0.18 4.17 10.82
N GLU B 99 0.39 5.06 10.00
CA GLU B 99 0.93 4.73 8.69
C GLU B 99 2.39 5.14 8.64
N ARG B 100 3.29 4.17 8.63
CA ARG B 100 4.70 4.49 8.45
C ARG B 100 4.95 4.84 6.99
N GLU B 101 5.81 5.83 6.77
CA GLU B 101 6.18 6.22 5.43
C GLU B 101 6.79 5.03 4.69
N GLY B 102 6.32 4.82 3.47
CA GLY B 102 6.85 3.81 2.58
C GLY B 102 6.42 2.39 2.88
N GLU B 103 5.73 2.14 4.01
CA GLU B 103 5.52 0.76 4.43
C GLU B 103 4.49 0.07 3.54
N CYS B 104 3.45 0.79 3.13
CA CYS B 104 2.44 0.21 2.27
C CYS B 104 2.99 -0.10 0.88
N GLN B 105 3.73 0.84 0.30
CA GLN B 105 4.36 0.56 -0.98
C GLN B 105 5.24 -0.68 -0.89
N ARG B 106 5.93 -0.86 0.24
CA ARG B 106 6.85 -1.99 0.41
C ARG B 106 6.09 -3.29 0.62
N TYR B 107 4.93 -3.21 1.24
CA TYR B 107 4.11 -4.38 1.52
C TYR B 107 3.36 -4.86 0.28
N LYS B 108 3.14 -3.97 -0.72
CA LYS B 108 2.39 -4.28 -1.95
C LYS B 108 2.42 -5.74 -2.39
N PRO B 109 3.59 -6.34 -2.69
CA PRO B 109 3.60 -7.69 -3.28
C PRO B 109 2.92 -8.77 -2.43
N PHE B 110 2.56 -8.45 -1.17
CA PHE B 110 1.98 -9.39 -0.23
C PHE B 110 0.57 -9.03 0.19
N LYS B 111 0.04 -7.90 -0.28
CA LYS B 111 -1.31 -7.50 0.10
C LYS B 111 -2.38 -8.39 -0.53
N GLN B 112 -2.10 -8.99 -1.69
CA GLN B 112 -3.02 -9.96 -2.28
C GLN B 112 -2.79 -11.36 -1.71
N LEU B 113 -1.58 -11.63 -1.22
CA LEU B 113 -1.27 -12.86 -0.50
C LEU B 113 -2.43 -13.24 0.41
N HIS B 114 -2.90 -14.48 0.28
CA HIS B 114 -3.93 -14.98 1.17
C HIS B 114 -3.41 -15.06 2.61
N ASN B 115 -4.30 -15.42 3.52
CA ASN B 115 -3.94 -15.62 4.92
C ASN B 115 -3.19 -14.40 5.48
N ARG B 116 -3.76 -13.23 5.28
CA ARG B 116 -3.30 -12.04 5.99
C ARG B 116 -3.99 -11.99 7.34
N ARG B 117 -3.26 -11.59 8.38
CA ARG B 117 -3.79 -11.71 9.73
C ARG B 117 -3.33 -10.55 10.59
N LEU B 118 -4.22 -10.08 11.47
CA LEU B 118 -3.97 -8.91 12.30
C LEU B 118 -3.53 -9.39 13.68
N LEU B 119 -2.27 -9.12 14.03
CA LEU B 119 -1.60 -9.79 15.12
C LEU B 119 -0.85 -8.80 16.00
N TRP B 120 -0.65 -9.19 17.25
CA TRP B 120 -0.03 -8.34 18.24
C TRP B 120 1.49 -8.40 18.15
N HIS B 121 2.14 -7.29 18.54
CA HIS B 121 3.58 -7.29 18.80
C HIS B 121 3.87 -6.28 19.91
N GLY B 122 4.41 -6.76 21.02
CA GLY B 122 4.81 -5.90 22.11
C GLY B 122 6.31 -5.64 22.13
N SER B 123 6.69 -4.54 22.77
CA SER B 123 8.09 -4.18 22.89
C SER B 123 8.20 -3.14 23.99
N ARG B 124 9.43 -2.98 24.48
CA ARG B 124 9.69 -1.97 25.51
C ARG B 124 9.52 -0.59 24.91
N THR B 125 8.85 0.29 25.68
CA THR B 125 8.56 1.63 25.19
C THR B 125 9.78 2.27 24.54
N THR B 126 10.96 2.04 25.10
CA THR B 126 12.20 2.59 24.58
C THR B 126 12.46 2.23 23.12
N ASN B 127 11.96 1.07 22.68
CA ASN B 127 12.21 0.64 21.32
C ASN B 127 11.30 1.35 20.32
N PHE B 128 10.20 1.94 20.78
CA PHE B 128 9.15 2.36 19.84
C PHE B 128 9.56 3.55 18.98
N ALA B 129 10.33 4.48 19.53
CA ALA B 129 10.90 5.50 18.69
C ALA B 129 11.52 4.88 17.45
N GLY B 130 12.34 3.85 17.63
CA GLY B 130 12.97 3.22 16.49
C GLY B 130 11.96 2.44 15.66
N ILE B 131 11.06 1.71 16.33
CA ILE B 131 10.13 0.84 15.62
C ILE B 131 9.33 1.64 14.60
N LEU B 132 8.85 2.81 15.00
CA LEU B 132 8.05 3.64 14.10
C LEU B 132 8.92 4.27 13.02
N SER B 133 10.15 4.68 13.36
CA SER B 133 10.96 5.36 12.36
C SER B 133 11.56 4.39 11.36
N GLN B 134 11.77 3.13 11.74
CA GLN B 134 12.44 2.16 10.90
C GLN B 134 11.67 0.87 10.72
N GLY B 135 10.50 0.73 11.35
CA GLY B 135 9.74 -0.49 11.27
C GLY B 135 10.32 -1.63 12.08
N LEU B 136 9.52 -2.67 12.31
CA LEU B 136 10.05 -3.90 12.87
C LEU B 136 11.15 -4.43 11.96
N ARG B 137 12.19 -4.98 12.58
CA ARG B 137 13.39 -5.35 11.87
C ARG B 137 13.86 -6.71 12.32
N ILE B 138 14.80 -7.27 11.56
CA ILE B 138 15.32 -8.62 11.77
C ILE B 138 16.73 -8.49 12.37
N ALA B 139 17.05 -9.35 13.30
CA ALA B 139 18.39 -9.37 13.86
C ALA B 139 19.42 -9.53 12.74
N PRO B 140 20.64 -9.02 12.94
CA PRO B 140 21.61 -8.98 11.83
C PRO B 140 22.05 -10.36 11.42
N PRO B 141 22.41 -10.56 10.14
CA PRO B 141 22.71 -11.90 9.65
C PRO B 141 23.70 -12.68 10.51
N GLU B 142 24.71 -12.02 11.05
CA GLU B 142 25.67 -12.65 11.96
C GLU B 142 25.32 -12.23 13.38
N ALA B 143 24.36 -12.95 13.95
CA ALA B 143 23.92 -12.81 15.34
C ALA B 143 23.54 -14.19 15.86
N PRO B 144 23.75 -14.46 17.15
CA PRO B 144 23.44 -15.78 17.69
C PRO B 144 21.96 -16.09 17.56
N VAL B 145 21.66 -17.35 17.20
CA VAL B 145 20.27 -17.77 17.02
C VAL B 145 19.70 -18.47 18.23
N THR B 146 20.48 -18.62 19.31
CA THR B 146 20.08 -19.49 20.40
C THR B 146 18.87 -18.95 21.16
N GLY B 147 18.71 -17.64 21.23
CA GLY B 147 17.56 -17.03 21.88
C GLY B 147 16.30 -16.92 21.03
N TYR B 148 16.34 -17.36 19.78
CA TYR B 148 15.23 -17.21 18.84
C TYR B 148 14.59 -18.57 18.60
N MET B 149 13.46 -18.82 19.27
CA MET B 149 12.84 -20.14 19.21
C MET B 149 12.59 -20.58 17.77
N PHE B 150 12.31 -19.62 16.88
CA PHE B 150 12.10 -19.94 15.47
C PHE B 150 12.97 -19.07 14.57
N GLY B 151 14.23 -18.87 14.94
CA GLY B 151 15.18 -18.19 14.08
C GLY B 151 14.99 -16.68 14.08
N LYS B 152 15.93 -16.02 13.41
CA LYS B 152 15.95 -14.57 13.36
C LYS B 152 14.87 -14.04 12.43
N GLY B 153 13.69 -13.76 13.00
CA GLY B 153 12.59 -13.19 12.25
C GLY B 153 11.76 -12.23 13.08
N ILE B 154 10.60 -11.84 12.58
CA ILE B 154 9.70 -10.93 13.27
C ILE B 154 8.54 -11.73 13.82
N TYR B 155 8.39 -11.66 15.14
CA TYR B 155 7.50 -12.50 15.93
C TYR B 155 6.21 -11.76 16.27
N PHE B 156 5.12 -12.51 16.34
CA PHE B 156 3.80 -11.99 16.61
C PHE B 156 3.02 -13.03 17.39
N ALA B 157 2.01 -12.58 18.11
CA ALA B 157 1.08 -13.46 18.79
C ALA B 157 -0.34 -13.08 18.38
N ASP B 158 -1.27 -14.01 18.63
CA ASP B 158 -2.69 -13.73 18.55
C ASP B 158 -3.34 -13.74 19.92
N MET B 159 -2.55 -13.77 20.98
CA MET B 159 -3.01 -13.62 22.35
C MET B 159 -2.38 -12.34 22.87
N VAL B 160 -3.22 -11.36 23.23
CA VAL B 160 -2.72 -10.03 23.60
C VAL B 160 -1.70 -10.13 24.73
N SER B 161 -1.96 -10.97 25.74
CA SER B 161 -1.09 -11.00 26.89
C SER B 161 0.28 -11.56 26.53
N LYS B 162 0.33 -12.49 25.57
CA LYS B 162 1.63 -13.02 25.15
C LYS B 162 2.54 -11.92 24.64
N SER B 163 2.02 -11.01 23.83
CA SER B 163 2.81 -9.88 23.35
C SER B 163 3.01 -8.82 24.43
N ALA B 164 1.99 -8.59 25.26
CA ALA B 164 2.11 -7.60 26.32
C ALA B 164 3.21 -7.98 27.30
N ASN B 165 3.52 -9.26 27.41
CA ASN B 165 4.64 -9.67 28.25
C ASN B 165 5.95 -9.07 27.77
N TYR B 166 6.05 -8.68 26.50
CA TYR B 166 7.29 -8.16 25.96
C TYR B 166 7.39 -6.65 26.06
N CYS B 167 6.35 -5.98 26.58
CA CYS B 167 6.49 -4.57 26.93
C CYS B 167 7.32 -4.40 28.20
N HIS B 168 7.36 -5.41 29.05
CA HIS B 168 8.11 -5.39 30.30
C HIS B 168 7.79 -4.15 31.12
N THR B 169 6.49 -3.93 31.29
CA THR B 169 5.98 -2.92 32.20
C THR B 169 5.87 -3.52 33.59
N SER B 170 5.67 -2.64 34.57
CA SER B 170 5.67 -3.04 35.97
C SER B 170 4.75 -2.08 36.73
N GLN B 171 4.64 -2.33 38.04
CA GLN B 171 3.79 -1.46 38.87
C GLN B 171 4.34 -0.05 38.91
N GLY B 172 5.68 0.09 38.90
CA GLY B 172 6.29 1.40 38.85
C GLY B 172 6.09 2.12 37.54
N ASP B 173 5.84 1.37 36.45
CA ASP B 173 5.60 1.95 35.14
C ASP B 173 4.58 1.08 34.41
N PRO B 174 3.30 1.25 34.73
CA PRO B 174 2.29 0.30 34.25
C PRO B 174 1.66 0.67 32.91
N ILE B 175 2.35 1.46 32.11
CA ILE B 175 1.88 1.83 30.78
C ILE B 175 2.88 1.32 29.76
N GLY B 176 2.37 0.65 28.73
CA GLY B 176 3.19 0.15 27.65
C GLY B 176 2.44 0.28 26.34
N LEU B 177 3.12 -0.12 25.27
CA LEU B 177 2.64 0.06 23.93
C LEU B 177 2.67 -1.28 23.21
N ILE B 178 1.55 -1.66 22.57
CA ILE B 178 1.50 -2.85 21.73
C ILE B 178 1.06 -2.42 20.33
N LEU B 179 1.68 -3.03 19.33
CA LEU B 179 1.31 -2.87 17.94
C LEU B 179 0.31 -3.92 17.51
N LEU B 180 -0.57 -3.53 16.60
CA LEU B 180 -1.35 -4.44 15.77
C LEU B 180 -0.83 -4.32 14.34
N GLY B 181 -0.34 -5.41 13.80
CA GLY B 181 0.17 -5.43 12.44
C GLY B 181 -0.64 -6.38 11.57
N GLU B 182 -0.83 -5.99 10.31
CA GLU B 182 -1.25 -6.89 9.26
C GLU B 182 -0.03 -7.67 8.79
N VAL B 183 -0.05 -8.99 8.96
CA VAL B 183 1.06 -9.87 8.62
C VAL B 183 0.61 -10.79 7.49
N ALA B 184 1.37 -10.77 6.40
CA ALA B 184 1.09 -11.60 5.24
C ALA B 184 1.72 -12.97 5.52
N LEU B 185 0.95 -13.82 6.19
CA LEU B 185 1.43 -15.15 6.59
C LEU B 185 1.57 -16.10 5.40
N GLY B 186 0.65 -16.06 4.45
CA GLY B 186 0.81 -16.94 3.30
C GLY B 186 0.66 -18.38 3.71
N ASN B 187 1.48 -19.25 3.12
CA ASN B 187 1.52 -20.67 3.48
C ASN B 187 2.37 -20.81 4.74
N MET B 188 1.74 -21.19 5.84
CA MET B 188 2.45 -21.33 7.10
C MET B 188 3.13 -22.68 7.19
N TYR B 189 4.39 -22.67 7.62
CA TYR B 189 5.06 -23.86 8.11
C TYR B 189 4.64 -24.01 9.56
N GLU B 190 3.83 -25.01 9.87
CA GLU B 190 3.32 -25.18 11.23
C GLU B 190 4.26 -26.10 12.00
N LEU B 191 4.79 -25.59 13.13
CA LEU B 191 5.78 -26.29 13.91
C LEU B 191 5.32 -26.42 15.35
N LYS B 192 5.70 -27.54 15.97
CA LYS B 192 5.36 -27.84 17.36
C LYS B 192 6.54 -27.67 18.29
N HIS B 193 7.75 -27.52 17.78
CA HIS B 193 8.95 -27.45 18.58
C HIS B 193 9.89 -26.43 17.96
N ALA B 194 10.76 -25.87 18.79
CA ALA B 194 11.69 -24.86 18.29
C ALA B 194 12.49 -25.40 17.12
N SER B 195 12.94 -24.49 16.25
CA SER B 195 13.80 -24.86 15.12
C SER B 195 15.12 -24.13 15.12
N HIS B 196 15.13 -22.83 15.44
CA HIS B 196 16.35 -22.04 15.59
C HIS B 196 17.03 -21.75 14.25
N ILE B 197 16.31 -21.84 13.14
CA ILE B 197 16.86 -21.44 11.86
C ILE B 197 15.88 -20.49 11.20
N SER B 198 16.36 -19.78 10.19
CA SER B 198 15.64 -18.69 9.57
C SER B 198 15.22 -18.97 8.13
N LYS B 199 15.53 -20.16 7.62
CA LYS B 199 15.25 -20.53 6.24
C LYS B 199 14.02 -21.43 6.21
N LEU B 200 13.01 -21.03 5.43
CA LEU B 200 11.81 -21.82 5.22
C LEU B 200 11.98 -22.79 4.06
N PRO B 201 11.23 -23.89 4.07
CA PRO B 201 11.12 -24.70 2.85
C PRO B 201 10.48 -23.89 1.74
N LYS B 202 10.64 -24.36 0.51
CA LYS B 202 10.10 -23.63 -0.64
C LYS B 202 8.58 -23.64 -0.60
N GLY B 203 7.99 -22.50 -0.95
CA GLY B 203 6.56 -22.34 -0.93
C GLY B 203 5.99 -21.89 0.39
N LYS B 204 6.80 -21.83 1.44
CA LYS B 204 6.36 -21.36 2.76
C LYS B 204 6.80 -19.92 2.92
N HIS B 205 5.96 -19.12 3.59
CA HIS B 205 6.22 -17.71 3.78
C HIS B 205 6.33 -17.29 5.24
N SER B 206 5.85 -18.12 6.16
CA SER B 206 5.84 -17.82 7.58
C SER B 206 5.94 -19.11 8.36
N VAL B 207 6.20 -18.98 9.66
CA VAL B 207 6.11 -20.09 10.60
C VAL B 207 4.96 -19.81 11.55
N LYS B 208 4.20 -20.85 11.87
CA LYS B 208 3.25 -20.80 12.97
C LYS B 208 3.68 -21.82 14.01
N GLY B 209 4.18 -21.32 15.14
CA GLY B 209 4.31 -22.16 16.32
C GLY B 209 2.94 -22.45 16.85
N LEU B 210 2.61 -23.74 17.01
CA LEU B 210 1.26 -24.17 17.32
C LEU B 210 1.07 -24.24 18.84
N GLY B 211 0.22 -23.37 19.38
CA GLY B 211 -0.08 -23.42 20.79
C GLY B 211 -1.18 -24.41 21.10
N LYS B 212 -1.17 -24.88 22.36
CA LYS B 212 -2.27 -25.68 22.87
C LYS B 212 -3.57 -24.90 22.92
N THR B 213 -3.48 -23.57 22.90
CA THR B 213 -4.64 -22.71 22.98
C THR B 213 -4.61 -21.73 21.83
N THR B 214 -5.77 -21.52 21.21
CA THR B 214 -5.90 -20.65 20.06
C THR B 214 -7.21 -19.89 20.17
N PRO B 215 -7.27 -18.65 19.71
CA PRO B 215 -8.57 -17.96 19.68
C PRO B 215 -9.56 -18.74 18.82
N ASP B 216 -10.77 -18.92 19.35
CA ASP B 216 -11.81 -19.69 18.68
C ASP B 216 -11.91 -19.24 17.23
N PRO B 217 -11.59 -20.12 16.27
CA PRO B 217 -11.70 -19.72 14.85
C PRO B 217 -13.12 -19.42 14.40
N SER B 218 -14.13 -19.93 15.07
CA SER B 218 -15.50 -19.61 14.70
C SER B 218 -15.85 -18.16 14.98
N ALA B 219 -14.98 -17.43 15.65
CA ALA B 219 -15.23 -16.03 15.96
C ALA B 219 -14.40 -15.08 15.12
N ASN B 220 -13.41 -15.58 14.37
CA ASN B 220 -12.61 -14.72 13.51
C ASN B 220 -13.52 -13.83 12.68
N ILE B 221 -13.10 -12.59 12.47
CA ILE B 221 -13.84 -11.68 11.61
C ILE B 221 -12.85 -11.07 10.63
N SER B 222 -13.37 -10.50 9.54
CA SER B 222 -12.51 -9.96 8.48
C SER B 222 -12.69 -8.45 8.36
N LEU B 223 -11.72 -7.71 8.92
CA LEU B 223 -11.64 -6.25 8.83
C LEU B 223 -10.75 -5.88 7.64
N ASP B 224 -11.35 -5.27 6.62
CA ASP B 224 -10.59 -4.74 5.48
C ASP B 224 -9.82 -5.85 4.75
N GLY B 225 -10.43 -7.04 4.69
CA GLY B 225 -9.82 -8.21 4.08
C GLY B 225 -8.87 -9.00 4.98
N VAL B 226 -8.57 -8.48 6.17
CA VAL B 226 -7.59 -9.06 7.08
C VAL B 226 -8.33 -9.83 8.17
N ASP B 227 -7.85 -11.04 8.49
CA ASP B 227 -8.46 -11.83 9.55
C ASP B 227 -8.04 -11.31 10.92
N VAL B 228 -9.02 -11.12 11.81
CA VAL B 228 -8.86 -10.69 13.19
C VAL B 228 -9.34 -11.86 14.05
N PRO B 229 -8.43 -12.58 14.70
CA PRO B 229 -8.79 -13.73 15.54
C PRO B 229 -9.12 -13.31 16.96
N LEU B 230 -10.24 -12.60 17.10
CA LEU B 230 -10.65 -12.06 18.38
C LEU B 230 -11.56 -13.01 19.16
N GLY B 231 -11.52 -14.29 18.85
CA GLY B 231 -12.29 -15.24 19.63
C GLY B 231 -11.67 -15.49 20.99
N THR B 232 -12.50 -15.92 21.95
CA THR B 232 -11.97 -16.33 23.24
C THR B 232 -11.13 -17.59 23.05
N GLY B 233 -10.06 -17.68 23.83
CA GLY B 233 -9.18 -18.82 23.73
C GLY B 233 -9.87 -20.15 24.01
N ILE B 234 -9.66 -21.12 23.11
CA ILE B 234 -10.15 -22.48 23.28
C ILE B 234 -9.01 -23.43 22.92
N SER B 235 -9.18 -24.69 23.31
CA SER B 235 -8.15 -25.69 23.06
C SER B 235 -7.97 -25.93 21.57
N SER B 236 -6.72 -25.88 21.12
CA SER B 236 -6.44 -26.03 19.70
C SER B 236 -6.59 -27.46 19.23
N GLY B 237 -6.62 -28.43 20.14
CA GLY B 237 -6.54 -29.83 19.78
C GLY B 237 -5.12 -30.35 19.64
N VAL B 238 -4.13 -29.47 19.59
CA VAL B 238 -2.74 -29.89 19.58
C VAL B 238 -2.30 -30.20 21.00
N ASN B 239 -1.75 -31.38 21.21
CA ASN B 239 -1.14 -31.74 22.47
C ASN B 239 0.34 -32.08 22.34
N ASP B 240 0.83 -32.33 21.13
CA ASP B 240 2.22 -32.67 20.86
C ASP B 240 3.11 -31.45 20.72
N THR B 241 2.98 -30.42 21.57
CA THR B 241 3.61 -29.15 21.27
C THR B 241 4.27 -28.53 22.50
N SER B 242 5.26 -27.67 22.24
CA SER B 242 6.03 -26.99 23.26
C SER B 242 5.38 -25.69 23.74
N LEU B 243 4.39 -25.19 23.01
CA LEU B 243 3.91 -23.83 23.16
C LEU B 243 2.53 -23.81 23.80
N LEU B 244 2.37 -22.98 24.83
CA LEU B 244 1.05 -22.75 25.36
C LEU B 244 0.16 -21.98 24.36
N TYR B 245 0.73 -21.05 23.59
CA TYR B 245 -0.04 -20.22 22.67
C TYR B 245 0.70 -20.02 21.36
N ASN B 246 -0.07 -19.71 20.32
CA ASN B 246 0.50 -19.63 18.99
C ASN B 246 1.58 -18.54 18.94
N GLU B 247 2.47 -18.70 17.96
CA GLU B 247 3.42 -17.67 17.57
C GLU B 247 3.43 -17.61 16.06
N TYR B 248 3.63 -16.43 15.50
CA TYR B 248 3.69 -16.25 14.05
C TYR B 248 4.97 -15.51 13.72
N ILE B 249 5.80 -16.07 12.85
CA ILE B 249 7.11 -15.52 12.54
C ILE B 249 7.19 -15.33 11.04
N VAL B 250 7.64 -14.16 10.62
CA VAL B 250 7.95 -13.96 9.21
C VAL B 250 9.40 -13.50 9.09
N TYR B 251 10.03 -13.83 7.95
CA TYR B 251 11.46 -13.61 7.75
C TYR B 251 11.72 -12.61 6.63
N ASP B 252 10.78 -11.70 6.40
CA ASP B 252 10.94 -10.61 5.45
C ASP B 252 10.17 -9.43 6.00
N ILE B 253 10.84 -8.28 6.11
CA ILE B 253 10.21 -7.15 6.76
C ILE B 253 9.08 -6.57 5.92
N ALA B 254 9.01 -6.90 4.63
CA ALA B 254 7.93 -6.44 3.76
C ALA B 254 6.64 -7.23 3.92
N GLN B 255 6.62 -8.26 4.75
CA GLN B 255 5.40 -8.98 5.05
C GLN B 255 4.66 -8.37 6.23
N VAL B 256 5.09 -7.20 6.70
CA VAL B 256 4.47 -6.56 7.85
C VAL B 256 4.00 -5.17 7.43
N ASN B 257 2.77 -4.84 7.85
CA ASN B 257 2.19 -3.51 7.65
C ASN B 257 1.58 -3.12 8.98
N LEU B 258 2.20 -2.18 9.69
CA LEU B 258 1.71 -1.79 11.00
C LEU B 258 0.44 -0.97 10.85
N LYS B 259 -0.63 -1.38 11.52
CA LYS B 259 -1.93 -0.75 11.40
C LYS B 259 -2.32 0.10 12.60
N TYR B 260 -2.11 -0.39 13.82
CA TYR B 260 -2.52 0.36 15.01
C TYR B 260 -1.42 0.31 16.07
N LEU B 261 -1.51 1.25 17.01
CA LEU B 261 -0.63 1.29 18.17
C LEU B 261 -1.51 1.60 19.38
N LEU B 262 -1.52 0.70 20.34
CA LEU B 262 -2.35 0.86 21.52
C LEU B 262 -1.51 1.28 22.70
N LYS B 263 -2.06 2.15 23.54
CA LYS B 263 -1.47 2.52 24.82
C LYS B 263 -2.26 1.76 25.88
N LEU B 264 -1.58 0.88 26.62
CA LEU B 264 -2.24 -0.01 27.55
C LEU B 264 -1.83 0.29 28.98
N LYS B 265 -2.80 0.28 29.88
CA LYS B 265 -2.55 0.29 31.31
C LYS B 265 -2.59 -1.14 31.81
N PHE B 266 -1.49 -1.56 32.45
CA PHE B 266 -1.42 -2.83 33.14
C PHE B 266 -1.81 -2.61 34.59
N ASN B 267 -2.78 -3.38 35.07
CA ASN B 267 -3.23 -3.32 36.45
C ASN B 267 -2.82 -4.61 37.13
N PHE B 268 -1.86 -4.54 38.04
CA PHE B 268 -1.33 -5.73 38.68
C PHE B 268 -2.04 -6.01 40.01
#